data_5UE4
#
_entry.id   5UE4
#
_cell.length_a   89.820
_cell.length_b   72.945
_cell.length_c   77.537
_cell.angle_alpha   90.00
_cell.angle_beta   106.91
_cell.angle_gamma   90.00
#
_symmetry.space_group_name_H-M   'C 1 2 1'
#
loop_
_entity.id
_entity.type
_entity.pdbx_description
1 polymer 'Matrix metalloproteinase-9'
2 non-polymer 'ZINC ION'
3 non-polymer 'CALCIUM ION'
4 non-polymer 'SULFATE ION'
5 non-polymer ~{N}-[5-[2-[(2-methoxyphenyl)amino]-1,3-thiazol-4-yl]-4-methyl-1,3-thiazol-2-yl]ethanamide
6 water water
#
_entity_poly.entity_id   1
_entity_poly.type   'polypeptide(L)'
_entity_poly.pdbx_seq_one_letter_code
;LRTNLTDRQLAEEYLYRYGYTRVAEMRGESKSLGPALLLLQKQLSLPETGELDSATLKAMRTPRCGVPDLGRFQTFEGDL
KWHHHNITYWIQNYSEDLPRAVIDDAFARAFALWSAVTPLTFTRVYSRDADIVIQFGVAEHGDGYPFDGKDGLLAHAFPP
GPGIQGDAHFDDDELWSLGKGQGYSLFLVAAHEFGHALGLDHSSVPEALMYPMYRFTEGPPLHKDDVNGIRHLYGP
;
_entity_poly.pdbx_strand_id   A,B
#
# COMPACT_ATOMS: atom_id res chain seq x y z
N THR A 6 -28.68 0.40 -25.16
CA THR A 6 -28.38 -0.14 -23.85
C THR A 6 -27.81 -1.56 -23.94
N ASP A 7 -27.86 -2.17 -25.12
CA ASP A 7 -27.17 -3.43 -25.32
C ASP A 7 -25.68 -3.17 -25.17
N ARG A 8 -25.25 -2.01 -25.69
CA ARG A 8 -23.90 -1.56 -25.49
C ARG A 8 -23.67 -1.20 -24.03
N GLN A 9 -24.73 -0.79 -23.35
CA GLN A 9 -24.65 -0.42 -21.94
C GLN A 9 -24.39 -1.67 -21.11
N LEU A 10 -25.18 -2.72 -21.36
CA LEU A 10 -25.03 -3.99 -20.68
C LEU A 10 -23.64 -4.57 -20.93
N ALA A 11 -23.19 -4.54 -22.19
CA ALA A 11 -21.90 -5.11 -22.55
C ALA A 11 -20.76 -4.40 -21.83
N GLU A 12 -20.78 -3.07 -21.84
CA GLU A 12 -19.73 -2.33 -21.16
C GLU A 12 -19.64 -2.65 -19.67
N GLU A 13 -20.79 -2.70 -19.00
CA GLU A 13 -20.88 -2.95 -17.57
C GLU A 13 -20.43 -4.37 -17.25
N TYR A 14 -20.88 -5.31 -18.07
CA TYR A 14 -20.51 -6.70 -17.91
C TYR A 14 -19.01 -6.87 -18.10
N LEU A 15 -18.48 -6.39 -19.22
CA LEU A 15 -17.05 -6.53 -19.50
C LEU A 15 -16.22 -5.90 -18.42
N TYR A 16 -16.68 -4.77 -17.87
CA TYR A 16 -15.94 -4.14 -16.78
C TYR A 16 -16.06 -4.94 -15.49
N ARG A 17 -17.28 -5.26 -15.10
CA ARG A 17 -17.54 -5.86 -13.81
C ARG A 17 -16.76 -7.16 -13.65
N TYR A 18 -16.72 -7.96 -14.71
CA TYR A 18 -16.19 -9.30 -14.57
C TYR A 18 -14.71 -9.37 -14.92
N GLY A 19 -14.13 -8.21 -15.19
CA GLY A 19 -12.68 -8.07 -15.30
C GLY A 19 -12.08 -8.09 -16.68
N TYR A 20 -12.91 -8.23 -17.71
CA TYR A 20 -12.42 -8.33 -19.08
C TYR A 20 -11.82 -7.04 -19.61
N THR A 21 -12.40 -5.92 -19.25
CA THR A 21 -11.89 -4.64 -19.77
C THR A 21 -10.50 -4.33 -19.20
N ARG A 22 -10.32 -4.56 -17.91
CA ARG A 22 -9.01 -4.37 -17.27
C ARG A 22 -7.90 -5.19 -17.94
N VAL A 23 -8.18 -6.45 -18.21
CA VAL A 23 -7.22 -7.30 -18.88
C VAL A 23 -6.93 -6.81 -20.29
N ALA A 24 -7.99 -6.41 -21.01
CA ALA A 24 -7.80 -5.85 -22.35
C ALA A 24 -6.87 -4.64 -22.32
N GLU A 25 -7.08 -3.76 -21.35
CA GLU A 25 -6.20 -2.59 -21.18
C GLU A 25 -4.75 -3.00 -21.00
N MET A 26 -4.52 -4.00 -20.14
CA MET A 26 -3.17 -4.47 -19.86
C MET A 26 -2.50 -5.06 -21.09
N ARG A 27 -3.28 -5.28 -22.14
CA ARG A 27 -2.75 -5.84 -23.39
C ARG A 27 -2.70 -4.78 -24.47
N GLY A 28 -2.98 -3.53 -24.09
CA GLY A 28 -2.96 -2.41 -25.02
C GLY A 28 -4.16 -2.33 -25.94
N GLU A 29 -5.29 -2.93 -25.53
CA GLU A 29 -6.50 -2.97 -26.34
C GLU A 29 -7.75 -3.27 -25.51
N SER A 32 -11.88 0.06 -28.04
CA SER A 32 -12.85 -0.82 -28.70
C SER A 32 -13.26 -1.95 -27.77
N LEU A 33 -14.45 -2.51 -27.99
CA LEU A 33 -14.95 -3.62 -27.18
C LEU A 33 -14.42 -4.97 -27.64
N GLY A 34 -14.01 -5.02 -28.90
CA GLY A 34 -13.62 -6.28 -29.53
C GLY A 34 -12.69 -7.17 -28.74
N PRO A 35 -11.50 -6.65 -28.39
CA PRO A 35 -10.55 -7.50 -27.66
C PRO A 35 -11.15 -8.06 -26.38
N ALA A 36 -11.84 -7.21 -25.61
CA ALA A 36 -12.46 -7.66 -24.35
C ALA A 36 -13.57 -8.70 -24.58
N LEU A 37 -14.33 -8.52 -25.66
CA LEU A 37 -15.35 -9.52 -25.99
C LEU A 37 -14.69 -10.86 -26.27
N LEU A 38 -13.56 -10.83 -26.98
CA LEU A 38 -12.83 -12.03 -27.32
C LEU A 38 -12.39 -12.78 -26.05
N LEU A 39 -11.90 -12.03 -25.08
CA LEU A 39 -11.50 -12.61 -23.79
C LEU A 39 -12.69 -13.24 -23.09
N LEU A 40 -13.83 -12.55 -23.14
CA LEU A 40 -15.03 -13.07 -22.52
C LEU A 40 -15.47 -14.35 -23.22
N GLN A 41 -15.42 -14.35 -24.55
CA GLN A 41 -15.83 -15.51 -25.31
C GLN A 41 -14.95 -16.73 -25.01
N LYS A 42 -13.64 -16.50 -24.94
CA LYS A 42 -12.71 -17.54 -24.49
C LYS A 42 -13.04 -18.03 -23.08
N GLN A 43 -13.19 -17.11 -22.13
CA GLN A 43 -13.52 -17.46 -20.74
C GLN A 43 -14.82 -18.23 -20.59
N LEU A 44 -15.83 -17.88 -21.38
CA LEU A 44 -17.15 -18.50 -21.19
C LEU A 44 -17.39 -19.63 -22.19
N SER A 45 -16.38 -19.95 -22.98
CA SER A 45 -16.53 -20.96 -24.03
C SER A 45 -17.64 -20.65 -25.02
N LEU A 46 -17.68 -19.41 -25.48
CA LEU A 46 -18.58 -19.04 -26.57
C LEU A 46 -17.75 -18.97 -27.85
N PRO A 47 -18.39 -18.99 -29.03
CA PRO A 47 -17.57 -18.82 -30.23
C PRO A 47 -16.78 -17.52 -30.17
N GLU A 48 -15.49 -17.61 -30.48
CA GLU A 48 -14.58 -16.48 -30.36
C GLU A 48 -14.59 -15.58 -31.61
N THR A 49 -15.57 -14.68 -31.63
CA THR A 49 -15.80 -13.83 -32.79
C THR A 49 -15.31 -12.41 -32.55
N GLY A 50 -15.17 -12.04 -31.29
CA GLY A 50 -14.81 -10.67 -30.92
C GLY A 50 -15.87 -9.65 -31.29
N GLU A 51 -17.10 -10.11 -31.50
CA GLU A 51 -18.20 -9.22 -31.87
C GLU A 51 -19.26 -9.28 -30.78
N LEU A 52 -19.96 -8.16 -30.56
CA LEU A 52 -21.12 -8.18 -29.68
C LEU A 52 -22.25 -8.82 -30.48
N ASP A 53 -22.18 -10.15 -30.59
CA ASP A 53 -23.14 -10.92 -31.37
C ASP A 53 -24.24 -11.48 -30.47
N SER A 54 -25.15 -12.26 -31.06
CA SER A 54 -26.35 -12.70 -30.35
C SER A 54 -26.02 -13.63 -29.18
N ALA A 55 -25.07 -14.54 -29.39
CA ALA A 55 -24.69 -15.50 -28.36
C ALA A 55 -24.07 -14.77 -27.17
N THR A 56 -23.29 -13.75 -27.46
CA THR A 56 -22.59 -13.01 -26.42
C THR A 56 -23.54 -12.13 -25.62
N LEU A 57 -24.47 -11.48 -26.31
CA LEU A 57 -25.51 -10.69 -25.63
C LEU A 57 -26.36 -11.59 -24.75
N LYS A 58 -26.73 -12.76 -25.28
CA LYS A 58 -27.53 -13.70 -24.52
C LYS A 58 -26.78 -14.13 -23.25
N ALA A 59 -25.49 -14.42 -23.41
CA ALA A 59 -24.65 -14.80 -22.28
C ALA A 59 -24.63 -13.70 -21.26
N MET A 60 -24.48 -12.46 -21.71
CA MET A 60 -24.43 -11.33 -20.79
C MET A 60 -25.74 -11.12 -20.06
N ARG A 61 -26.85 -11.53 -20.67
CA ARG A 61 -28.16 -11.36 -20.06
C ARG A 61 -28.48 -12.48 -19.07
N THR A 62 -27.62 -13.50 -19.02
CA THR A 62 -27.91 -14.66 -18.18
C THR A 62 -27.55 -14.41 -16.73
N PRO A 63 -28.46 -14.73 -15.79
CA PRO A 63 -28.17 -14.64 -14.36
C PRO A 63 -26.92 -15.44 -13.99
N ARG A 64 -26.12 -14.89 -13.09
CA ARG A 64 -24.80 -15.49 -12.86
C ARG A 64 -24.22 -15.09 -11.52
N CYS A 65 -23.07 -15.67 -11.19
CA CYS A 65 -22.32 -15.35 -9.99
C CYS A 65 -21.70 -13.96 -10.05
N GLY A 66 -21.68 -13.26 -8.93
CA GLY A 66 -21.14 -11.91 -8.96
C GLY A 66 -19.63 -11.84 -8.82
N VAL A 67 -18.97 -12.99 -8.68
CA VAL A 67 -17.52 -13.02 -8.58
C VAL A 67 -16.90 -12.80 -9.96
N PRO A 68 -15.84 -11.99 -10.05
CA PRO A 68 -15.17 -11.71 -11.33
C PRO A 68 -14.61 -12.98 -11.95
N ASP A 69 -14.46 -12.96 -13.27
CA ASP A 69 -13.92 -14.08 -14.01
C ASP A 69 -12.41 -13.97 -14.15
N LEU A 70 -11.94 -12.74 -14.40
CA LEU A 70 -10.51 -12.47 -14.52
C LEU A 70 -10.14 -11.46 -13.45
N GLY A 71 -9.18 -11.84 -12.62
CA GLY A 71 -8.79 -11.01 -11.50
C GLY A 71 -9.74 -11.23 -10.34
N ARG A 72 -9.70 -10.32 -9.38
CA ARG A 72 -10.43 -10.52 -8.15
C ARG A 72 -11.18 -9.26 -7.75
N PHE A 73 -12.02 -9.38 -6.73
CA PHE A 73 -12.75 -8.24 -6.18
C PHE A 73 -11.75 -7.18 -5.71
N GLN A 74 -10.69 -7.66 -5.09
CA GLN A 74 -9.72 -6.81 -4.42
C GLN A 74 -8.47 -7.63 -4.13
N THR A 75 -7.47 -6.99 -3.52
CA THR A 75 -6.32 -7.72 -3.00
C THR A 75 -6.74 -8.41 -1.71
N PHE A 76 -6.44 -9.71 -1.60
CA PHE A 76 -6.84 -10.49 -0.44
C PHE A 76 -5.62 -10.92 0.36
N GLU A 77 -5.87 -11.35 1.59
CA GLU A 77 -4.78 -11.77 2.49
C GLU A 77 -4.52 -13.26 2.38
N GLY A 78 -3.25 -13.64 2.37
CA GLY A 78 -2.89 -15.06 2.42
C GLY A 78 -2.81 -15.73 1.07
N ASP A 79 -2.72 -17.05 1.07
CA ASP A 79 -2.57 -17.81 -0.17
C ASP A 79 -3.89 -18.37 -0.71
N LEU A 80 -5.00 -18.00 -0.08
CA LEU A 80 -6.35 -18.30 -0.59
C LEU A 80 -6.75 -19.77 -0.58
N LYS A 81 -6.18 -20.54 0.34
CA LYS A 81 -6.73 -21.86 0.68
C LYS A 81 -6.79 -21.97 2.20
N TRP A 82 -7.63 -22.88 2.70
CA TRP A 82 -7.74 -23.07 4.13
C TRP A 82 -6.53 -23.86 4.62
N HIS A 83 -6.07 -23.53 5.81
CA HIS A 83 -4.92 -24.24 6.38
C HIS A 83 -5.33 -25.01 7.64
N HIS A 84 -6.62 -25.26 7.75
CA HIS A 84 -7.14 -26.22 8.70
C HIS A 84 -8.24 -27.03 8.04
N HIS A 85 -8.69 -28.09 8.69
CA HIS A 85 -9.56 -29.05 8.03
C HIS A 85 -11.01 -28.95 8.42
N ASN A 86 -11.30 -28.45 9.61
CA ASN A 86 -12.69 -28.34 10.02
C ASN A 86 -13.14 -26.91 9.81
N ILE A 87 -13.82 -26.70 8.69
CA ILE A 87 -14.28 -25.36 8.33
C ILE A 87 -15.62 -25.14 9.01
N THR A 88 -15.76 -24.00 9.68
CA THR A 88 -16.98 -23.74 10.41
C THR A 88 -17.77 -22.72 9.61
N TYR A 89 -19.09 -22.78 9.73
CA TYR A 89 -19.94 -21.83 9.03
C TYR A 89 -21.08 -21.36 9.91
N TRP A 90 -21.46 -20.11 9.68
CA TRP A 90 -22.53 -19.48 10.43
C TRP A 90 -23.56 -18.93 9.46
N ILE A 91 -24.80 -19.38 9.62
CA ILE A 91 -25.91 -18.83 8.87
C ILE A 91 -26.41 -17.62 9.63
N GLN A 92 -25.89 -16.45 9.25
CA GLN A 92 -26.12 -15.23 9.99
C GLN A 92 -27.58 -14.77 9.91
N ASN A 93 -28.18 -14.94 8.75
CA ASN A 93 -29.58 -14.58 8.60
C ASN A 93 -30.30 -15.46 7.57
N TYR A 94 -31.59 -15.22 7.40
CA TYR A 94 -32.38 -16.04 6.49
C TYR A 94 -33.20 -15.21 5.53
N SER A 95 -33.36 -15.73 4.32
CA SER A 95 -34.38 -15.24 3.40
C SER A 95 -35.73 -15.78 3.91
N GLU A 96 -36.80 -15.02 3.71
CA GLU A 96 -38.13 -15.49 4.07
C GLU A 96 -38.79 -16.31 2.96
N ASP A 97 -38.06 -16.56 1.87
CA ASP A 97 -38.63 -17.27 0.72
C ASP A 97 -38.86 -18.74 1.00
N LEU A 98 -38.07 -19.30 1.91
CA LEU A 98 -38.13 -20.73 2.24
C LEU A 98 -38.15 -20.90 3.74
N PRO A 99 -38.70 -22.02 4.23
CA PRO A 99 -38.62 -22.26 5.67
C PRO A 99 -37.18 -22.34 6.13
N ARG A 100 -36.93 -21.95 7.37
CA ARG A 100 -35.57 -21.95 7.89
C ARG A 100 -34.92 -23.34 7.80
N ALA A 101 -35.70 -24.38 8.08
CA ALA A 101 -35.16 -25.73 8.05
C ALA A 101 -34.73 -26.11 6.63
N VAL A 102 -35.47 -25.66 5.64
CA VAL A 102 -35.16 -25.98 4.25
C VAL A 102 -33.88 -25.24 3.79
N ILE A 103 -33.73 -24.01 4.24
CA ILE A 103 -32.49 -23.25 4.00
C ILE A 103 -31.28 -23.90 4.68
N ASP A 104 -31.45 -24.30 5.94
CA ASP A 104 -30.38 -24.95 6.69
C ASP A 104 -29.92 -26.19 5.93
N ASP A 105 -30.89 -26.94 5.43
CA ASP A 105 -30.62 -28.20 4.78
C ASP A 105 -30.01 -28.00 3.41
N ALA A 106 -30.42 -26.93 2.73
CA ALA A 106 -29.83 -26.60 1.44
C ALA A 106 -28.35 -26.32 1.59
N PHE A 107 -28.01 -25.51 2.60
CA PHE A 107 -26.62 -25.24 2.89
C PHE A 107 -25.88 -26.52 3.33
N ALA A 108 -26.50 -27.32 4.19
CA ALA A 108 -25.84 -28.53 4.67
C ALA A 108 -25.52 -29.44 3.49
N ARG A 109 -26.49 -29.59 2.59
CA ARG A 109 -26.29 -30.46 1.42
C ARG A 109 -25.22 -29.91 0.49
N ALA A 110 -25.16 -28.58 0.34
CA ALA A 110 -24.14 -27.96 -0.51
C ALA A 110 -22.72 -28.27 0.01
N PHE A 111 -22.52 -28.16 1.32
CA PHE A 111 -21.23 -28.49 1.93
C PHE A 111 -20.93 -29.97 1.81
N ALA A 112 -21.98 -30.79 1.95
CA ALA A 112 -21.83 -32.25 1.82
C ALA A 112 -21.24 -32.64 0.47
N LEU A 113 -21.49 -31.83 -0.56
CA LEU A 113 -20.94 -32.09 -1.89
C LEU A 113 -19.43 -32.00 -1.84
N TRP A 114 -18.94 -30.95 -1.20
CA TRP A 114 -17.51 -30.68 -1.15
C TRP A 114 -16.83 -31.59 -0.14
N SER A 115 -17.50 -31.90 0.96
CA SER A 115 -16.84 -32.69 2.00
C SER A 115 -16.48 -34.08 1.47
N ALA A 116 -17.31 -34.67 0.60
CA ALA A 116 -17.01 -36.02 0.11
C ALA A 116 -15.75 -36.07 -0.76
N VAL A 117 -15.41 -34.95 -1.41
CA VAL A 117 -14.30 -34.94 -2.35
C VAL A 117 -13.06 -34.19 -1.85
N THR A 118 -13.08 -33.77 -0.60
CA THR A 118 -11.94 -33.08 0.02
C THR A 118 -11.63 -33.65 1.39
N PRO A 119 -10.45 -33.33 1.94
CA PRO A 119 -10.16 -33.76 3.31
C PRO A 119 -10.75 -32.80 4.36
N LEU A 120 -11.67 -31.93 3.92
CA LEU A 120 -12.31 -30.96 4.79
C LEU A 120 -13.60 -31.49 5.39
N THR A 121 -13.98 -30.94 6.54
CA THR A 121 -15.30 -31.16 7.12
C THR A 121 -15.94 -29.80 7.40
N PHE A 122 -17.27 -29.77 7.42
CA PHE A 122 -17.97 -28.51 7.61
C PHE A 122 -18.91 -28.60 8.79
N THR A 123 -18.76 -27.63 9.68
CA THR A 123 -19.47 -27.68 10.94
C THR A 123 -20.22 -26.38 11.14
N ARG A 124 -21.52 -26.49 11.37
CA ARG A 124 -22.33 -25.30 11.61
C ARG A 124 -22.05 -24.74 13.00
N VAL A 125 -21.81 -23.43 13.06
CA VAL A 125 -21.63 -22.74 14.34
C VAL A 125 -22.55 -21.53 14.40
N TYR A 126 -22.45 -20.76 15.47
CA TYR A 126 -23.39 -19.66 15.67
C TYR A 126 -22.73 -18.32 16.01
N SER A 127 -21.58 -18.04 15.42
CA SER A 127 -20.87 -16.79 15.70
C SER A 127 -20.04 -16.27 14.52
N ARG A 128 -19.69 -15.00 14.59
CA ARG A 128 -18.89 -14.35 13.56
C ARG A 128 -17.49 -14.96 13.46
N ASP A 129 -17.14 -15.84 14.40
CA ASP A 129 -15.83 -16.49 14.42
C ASP A 129 -15.73 -17.60 13.39
N ALA A 130 -16.87 -17.95 12.79
CA ALA A 130 -16.91 -18.98 11.76
C ALA A 130 -16.02 -18.59 10.60
N ASP A 131 -15.45 -19.60 9.94
CA ASP A 131 -14.62 -19.40 8.74
C ASP A 131 -15.47 -18.84 7.63
N ILE A 132 -16.65 -19.43 7.47
CA ILE A 132 -17.58 -19.05 6.42
C ILE A 132 -18.84 -18.42 7.01
N VAL A 133 -18.99 -17.12 6.87
CA VAL A 133 -20.22 -16.48 7.29
C VAL A 133 -21.16 -16.34 6.09
N ILE A 134 -22.38 -16.82 6.27
CA ILE A 134 -23.38 -16.84 5.21
C ILE A 134 -24.42 -15.78 5.51
N GLN A 135 -24.69 -14.93 4.52
CA GLN A 135 -25.65 -13.84 4.67
C GLN A 135 -26.57 -13.74 3.48
N PHE A 136 -27.82 -13.39 3.73
CA PHE A 136 -28.70 -12.90 2.70
C PHE A 136 -28.73 -11.38 2.82
N GLY A 137 -28.66 -10.70 1.69
CA GLY A 137 -28.64 -9.24 1.68
C GLY A 137 -29.20 -8.70 0.38
N VAL A 138 -29.43 -7.39 0.35
CA VAL A 138 -29.87 -6.75 -0.88
C VAL A 138 -29.09 -5.47 -1.08
N ALA A 139 -28.98 -5.08 -2.34
CA ALA A 139 -28.25 -3.87 -2.70
C ALA A 139 -26.97 -3.83 -1.88
N GLU A 140 -26.65 -2.67 -1.29
CA GLU A 140 -25.48 -2.59 -0.44
C GLU A 140 -25.79 -3.23 0.91
N HIS A 141 -25.01 -4.24 1.24
CA HIS A 141 -25.29 -5.07 2.41
C HIS A 141 -24.06 -5.21 3.30
N GLY A 142 -23.13 -4.27 3.19
CA GLY A 142 -22.07 -4.17 4.18
C GLY A 142 -20.65 -4.47 3.77
N ASP A 143 -20.41 -4.78 2.49
CA ASP A 143 -19.05 -5.16 2.08
C ASP A 143 -18.53 -4.38 0.87
N GLY A 144 -19.31 -3.39 0.41
CA GLY A 144 -18.91 -2.55 -0.70
C GLY A 144 -19.01 -3.20 -2.07
N TYR A 145 -19.58 -4.39 -2.12
CA TYR A 145 -19.87 -5.09 -3.39
C TYR A 145 -21.36 -5.28 -3.50
N PRO A 146 -22.10 -4.20 -3.81
CA PRO A 146 -23.55 -4.29 -3.67
C PRO A 146 -24.18 -5.22 -4.69
N PHE A 147 -25.30 -5.81 -4.28
CA PHE A 147 -26.11 -6.58 -5.20
C PHE A 147 -26.94 -5.65 -6.09
N ASP A 148 -27.57 -6.23 -7.10
CA ASP A 148 -28.12 -5.47 -8.22
C ASP A 148 -29.63 -5.60 -8.41
N GLY A 149 -30.35 -6.03 -7.38
CA GLY A 149 -31.79 -6.24 -7.51
C GLY A 149 -32.12 -7.53 -8.24
N LYS A 150 -33.35 -7.67 -8.74
CA LYS A 150 -33.76 -8.98 -9.27
C LYS A 150 -32.92 -9.41 -10.48
N ASP A 151 -32.59 -10.69 -10.53
CA ASP A 151 -31.78 -11.28 -11.60
C ASP A 151 -30.37 -10.70 -11.71
N GLY A 152 -29.72 -10.86 -12.85
CA GLY A 152 -28.35 -10.41 -12.97
C GLY A 152 -27.48 -11.24 -12.02
N LEU A 153 -26.77 -10.61 -11.11
CA LEU A 153 -25.96 -11.44 -10.22
C LEU A 153 -26.76 -11.96 -9.04
N LEU A 154 -26.52 -13.21 -8.70
CA LEU A 154 -27.36 -13.91 -7.75
C LEU A 154 -26.74 -13.97 -6.36
N ALA A 155 -25.42 -13.85 -6.31
CA ALA A 155 -24.69 -14.16 -5.08
C ALA A 155 -23.23 -13.90 -5.32
N HIS A 156 -22.44 -13.92 -4.27
CA HIS A 156 -20.99 -13.94 -4.41
C HIS A 156 -20.31 -14.45 -3.14
N ALA A 157 -18.99 -14.59 -3.21
CA ALA A 157 -18.28 -15.16 -2.09
C ALA A 157 -16.85 -14.76 -2.22
N PHE A 158 -16.09 -15.03 -1.18
CA PHE A 158 -14.72 -14.57 -1.08
C PHE A 158 -13.83 -15.76 -0.74
N PRO A 159 -12.60 -15.76 -1.25
CA PRO A 159 -11.70 -16.91 -1.08
C PRO A 159 -11.28 -17.08 0.38
N PRO A 160 -10.80 -18.27 0.72
CA PRO A 160 -10.39 -18.58 2.10
C PRO A 160 -9.45 -17.52 2.65
N GLY A 161 -9.59 -17.27 3.94
CA GLY A 161 -8.75 -16.32 4.64
C GLY A 161 -9.48 -15.73 5.83
N PRO A 162 -8.93 -14.65 6.39
CA PRO A 162 -9.44 -14.00 7.59
C PRO A 162 -10.54 -12.99 7.26
N GLY A 163 -11.43 -12.75 8.23
CA GLY A 163 -12.43 -11.70 8.11
C GLY A 163 -13.53 -12.00 7.10
N ILE A 164 -13.68 -11.13 6.12
CA ILE A 164 -14.68 -11.33 5.07
C ILE A 164 -14.32 -12.53 4.19
N GLN A 165 -13.04 -12.82 4.09
CA GLN A 165 -12.61 -13.94 3.25
C GLN A 165 -13.27 -15.24 3.71
N GLY A 166 -13.68 -16.07 2.75
CA GLY A 166 -14.41 -17.27 3.10
C GLY A 166 -15.92 -17.06 3.13
N ASP A 167 -16.38 -15.81 3.19
CA ASP A 167 -17.83 -15.58 3.34
C ASP A 167 -18.59 -15.78 2.04
N ALA A 168 -19.88 -16.06 2.18
CA ALA A 168 -20.78 -16.25 1.03
C ALA A 168 -22.06 -15.44 1.20
N HIS A 169 -22.38 -14.59 0.22
CA HIS A 169 -23.58 -13.78 0.30
C HIS A 169 -24.58 -14.08 -0.82
N PHE A 170 -25.86 -14.13 -0.46
CA PHE A 170 -26.92 -14.38 -1.43
C PHE A 170 -27.83 -13.18 -1.57
N ASP A 171 -28.16 -12.85 -2.82
CA ASP A 171 -28.96 -11.66 -3.13
C ASP A 171 -30.41 -11.96 -2.84
N ASP A 172 -30.94 -11.38 -1.77
CA ASP A 172 -32.32 -11.67 -1.40
C ASP A 172 -33.35 -10.90 -2.24
N ASP A 173 -32.87 -10.21 -3.27
CA ASP A 173 -33.81 -9.67 -4.24
C ASP A 173 -34.16 -10.77 -5.24
N GLU A 174 -33.49 -11.92 -5.13
CA GLU A 174 -33.91 -13.09 -5.90
C GLU A 174 -34.94 -13.89 -5.14
N LEU A 175 -35.82 -14.56 -5.87
CA LEU A 175 -36.70 -15.54 -5.25
C LEU A 175 -35.91 -16.83 -5.06
N TRP A 176 -35.67 -17.20 -3.81
CA TRP A 176 -34.92 -18.43 -3.52
C TRP A 176 -35.88 -19.59 -3.39
N SER A 177 -35.54 -20.69 -4.05
CA SER A 177 -36.33 -21.90 -3.96
C SER A 177 -35.37 -23.07 -4.06
N LEU A 178 -35.87 -24.21 -4.52
CA LEU A 178 -34.96 -25.29 -4.86
C LEU A 178 -34.84 -25.45 -6.38
N GLY A 179 -35.25 -24.42 -7.12
CA GLY A 179 -35.01 -24.34 -8.55
C GLY A 179 -36.11 -24.93 -9.42
N LYS A 180 -36.99 -25.71 -8.79
CA LYS A 180 -38.18 -26.24 -9.46
C LYS A 180 -39.32 -25.23 -9.43
N GLY A 181 -40.04 -25.13 -10.55
CA GLY A 181 -41.17 -24.23 -10.64
C GLY A 181 -40.74 -22.81 -10.87
N GLN A 182 -40.49 -22.09 -9.78
CA GLN A 182 -40.06 -20.71 -9.85
C GLN A 182 -38.91 -20.48 -8.90
N GLY A 183 -38.09 -19.48 -9.19
CA GLY A 183 -37.01 -19.10 -8.29
C GLY A 183 -35.70 -19.80 -8.59
N TYR A 184 -34.63 -19.34 -7.95
CA TYR A 184 -33.31 -19.93 -8.15
C TYR A 184 -33.02 -20.95 -7.06
N SER A 185 -32.36 -22.05 -7.43
CA SER A 185 -32.01 -23.05 -6.44
C SER A 185 -30.96 -22.53 -5.46
N LEU A 186 -31.35 -22.34 -4.21
CA LEU A 186 -30.39 -21.98 -3.18
C LEU A 186 -29.34 -23.07 -3.03
N PHE A 187 -29.73 -24.33 -3.18
CA PHE A 187 -28.77 -25.43 -3.07
C PHE A 187 -27.66 -25.31 -4.12
N LEU A 188 -28.02 -25.14 -5.39
CA LEU A 188 -27.06 -25.04 -6.48
C LEU A 188 -26.19 -23.78 -6.39
N VAL A 189 -26.83 -22.65 -6.11
CA VAL A 189 -26.07 -21.41 -5.99
C VAL A 189 -25.13 -21.50 -4.79
N ALA A 190 -25.63 -22.01 -3.67
CA ALA A 190 -24.76 -22.19 -2.51
C ALA A 190 -23.60 -23.15 -2.85
N ALA A 191 -23.90 -24.26 -3.51
CA ALA A 191 -22.83 -25.20 -3.85
C ALA A 191 -21.70 -24.49 -4.63
N HIS A 192 -22.09 -23.63 -5.58
CA HIS A 192 -21.13 -22.89 -6.40
C HIS A 192 -20.34 -21.88 -5.55
N GLU A 193 -21.06 -21.08 -4.77
CA GLU A 193 -20.40 -20.08 -3.91
C GLU A 193 -19.45 -20.72 -2.88
N PHE A 194 -19.81 -21.88 -2.33
CA PHE A 194 -18.95 -22.55 -1.35
C PHE A 194 -17.65 -22.98 -2.02
N GLY A 195 -17.72 -23.26 -3.32
CA GLY A 195 -16.54 -23.53 -4.12
C GLY A 195 -15.54 -22.39 -4.02
N HIS A 196 -16.02 -21.16 -4.20
CA HIS A 196 -15.17 -20.01 -4.04
C HIS A 196 -14.64 -19.95 -2.62
N ALA A 197 -15.52 -20.24 -1.67
CA ALA A 197 -15.19 -20.11 -0.25
C ALA A 197 -14.09 -21.10 0.15
N LEU A 198 -13.87 -22.10 -0.70
CA LEU A 198 -12.80 -23.07 -0.52
C LEU A 198 -11.57 -22.75 -1.36
N GLY A 199 -11.67 -21.75 -2.23
CA GLY A 199 -10.54 -21.32 -3.04
C GLY A 199 -10.60 -21.64 -4.54
N LEU A 200 -11.76 -22.04 -5.05
CA LEU A 200 -11.91 -22.30 -6.47
C LEU A 200 -12.25 -21.04 -7.23
N ASP A 201 -11.75 -20.95 -8.46
CA ASP A 201 -12.17 -19.91 -9.37
C ASP A 201 -13.21 -20.46 -10.34
N HIS A 202 -13.67 -19.59 -11.24
CA HIS A 202 -14.62 -19.99 -12.27
C HIS A 202 -14.03 -20.96 -13.28
N SER A 203 -14.87 -21.88 -13.71
CA SER A 203 -14.55 -22.81 -14.79
C SER A 203 -15.03 -22.27 -16.13
N SER A 204 -14.31 -22.62 -17.21
CA SER A 204 -14.74 -22.35 -18.57
C SER A 204 -15.59 -23.48 -19.17
N VAL A 205 -15.72 -24.56 -18.42
CA VAL A 205 -16.57 -25.67 -18.85
C VAL A 205 -18.02 -25.31 -18.51
N PRO A 206 -18.89 -25.19 -19.53
CA PRO A 206 -20.26 -24.72 -19.27
C PRO A 206 -21.12 -25.63 -18.39
N GLU A 207 -20.86 -26.94 -18.37
CA GLU A 207 -21.65 -27.81 -17.51
C GLU A 207 -21.13 -27.90 -16.08
N ALA A 208 -19.93 -27.39 -15.83
CA ALA A 208 -19.30 -27.47 -14.51
C ALA A 208 -20.05 -26.63 -13.50
N LEU A 209 -20.04 -27.09 -12.25
CA LEU A 209 -20.66 -26.33 -11.17
C LEU A 209 -20.05 -24.93 -11.05
N MET A 210 -18.74 -24.82 -11.25
CA MET A 210 -18.02 -23.54 -11.09
C MET A 210 -18.08 -22.64 -12.33
N TYR A 211 -18.81 -23.06 -13.36
CA TYR A 211 -19.14 -22.15 -14.45
C TYR A 211 -19.98 -21.01 -13.87
N PRO A 212 -19.71 -19.76 -14.30
CA PRO A 212 -20.28 -18.62 -13.58
C PRO A 212 -21.78 -18.44 -13.78
N MET A 213 -22.33 -18.93 -14.88
CA MET A 213 -23.74 -18.72 -15.19
C MET A 213 -24.60 -19.70 -14.45
N TYR A 214 -25.76 -19.24 -14.02
CA TYR A 214 -26.71 -20.14 -13.38
C TYR A 214 -27.33 -21.10 -14.39
N ARG A 215 -27.30 -22.38 -14.06
CA ARG A 215 -27.85 -23.42 -14.91
C ARG A 215 -28.59 -24.39 -14.02
N PHE A 216 -29.92 -24.41 -14.09
CA PHE A 216 -30.63 -25.34 -13.23
C PHE A 216 -30.44 -26.76 -13.74
N THR A 217 -30.29 -27.70 -12.81
CA THR A 217 -30.22 -29.12 -13.17
C THR A 217 -30.75 -29.95 -12.01
N GLU A 218 -31.29 -31.12 -12.31
CA GLU A 218 -31.68 -32.07 -11.29
C GLU A 218 -30.59 -33.12 -11.08
N GLY A 219 -29.59 -33.08 -11.95
CA GLY A 219 -28.46 -34.01 -11.89
C GLY A 219 -27.49 -33.68 -10.78
N PRO A 220 -26.57 -34.61 -10.48
CA PRO A 220 -25.54 -34.34 -9.47
C PRO A 220 -24.75 -33.08 -9.87
N PRO A 221 -24.63 -32.11 -8.96
CA PRO A 221 -24.04 -30.83 -9.37
C PRO A 221 -22.55 -30.88 -9.75
N LEU A 222 -21.75 -31.74 -9.12
CA LEU A 222 -20.32 -31.75 -9.41
C LEU A 222 -19.99 -32.41 -10.74
N HIS A 223 -19.02 -31.84 -11.44
CA HIS A 223 -18.44 -32.44 -12.65
C HIS A 223 -16.95 -32.65 -12.45
N LYS A 224 -16.33 -33.37 -13.38
CA LYS A 224 -14.91 -33.69 -13.28
C LYS A 224 -14.09 -32.43 -13.04
N ASP A 225 -14.45 -31.36 -13.72
CA ASP A 225 -13.66 -30.13 -13.64
C ASP A 225 -13.68 -29.54 -12.22
N ASP A 226 -14.83 -29.59 -11.56
CA ASP A 226 -14.95 -29.15 -10.19
C ASP A 226 -14.15 -30.05 -9.22
N VAL A 227 -14.24 -31.36 -9.42
CA VAL A 227 -13.54 -32.30 -8.54
C VAL A 227 -12.02 -32.19 -8.69
N ASN A 228 -11.55 -32.17 -9.93
CA ASN A 228 -10.13 -31.97 -10.17
C ASN A 228 -9.65 -30.62 -9.65
N GLY A 229 -10.49 -29.60 -9.77
CA GLY A 229 -10.12 -28.29 -9.27
C GLY A 229 -9.85 -28.33 -7.78
N ILE A 230 -10.76 -28.94 -7.03
CA ILE A 230 -10.61 -29.00 -5.59
C ILE A 230 -9.47 -29.98 -5.21
N ARG A 231 -9.25 -31.01 -6.02
CA ARG A 231 -8.13 -31.93 -5.79
C ARG A 231 -6.78 -31.27 -5.97
N HIS A 232 -6.73 -30.30 -6.88
CA HIS A 232 -5.49 -29.62 -7.24
C HIS A 232 -5.28 -28.45 -6.31
N LEU A 233 -6.02 -28.44 -5.20
CA LEU A 233 -5.92 -27.39 -4.18
C LEU A 233 -5.60 -27.98 -2.81
N TYR A 234 -6.34 -29.02 -2.43
CA TYR A 234 -6.16 -29.71 -1.16
C TYR A 234 -5.63 -31.12 -1.42
N ASP B 7 9.57 5.35 25.64
CA ASP B 7 10.76 6.02 26.11
C ASP B 7 12.02 5.17 25.93
N ARG B 8 11.99 3.96 26.48
CA ARG B 8 13.10 3.01 26.32
C ARG B 8 13.30 2.67 24.85
N GLN B 9 12.19 2.46 24.15
CA GLN B 9 12.19 2.17 22.74
C GLN B 9 12.82 3.34 21.98
N LEU B 10 12.46 4.54 22.40
CA LEU B 10 12.95 5.76 21.78
C LEU B 10 14.47 5.86 21.88
N ALA B 11 14.99 5.76 23.11
CA ALA B 11 16.41 5.97 23.34
C ALA B 11 17.25 4.96 22.55
N GLU B 12 16.81 3.70 22.56
CA GLU B 12 17.55 2.68 21.86
C GLU B 12 17.59 2.95 20.36
N GLU B 13 16.45 3.33 19.79
CA GLU B 13 16.38 3.60 18.36
C GLU B 13 17.22 4.83 18.00
N TYR B 14 17.15 5.87 18.83
CA TYR B 14 17.87 7.12 18.59
C TYR B 14 19.38 6.89 18.67
N LEU B 15 19.80 6.19 19.72
CA LEU B 15 21.21 5.96 19.93
C LEU B 15 21.81 5.13 18.80
N TYR B 16 21.03 4.17 18.30
CA TYR B 16 21.53 3.35 17.19
C TYR B 16 21.56 4.17 15.91
N ARG B 17 20.44 4.81 15.60
CA ARG B 17 20.27 5.51 14.35
C ARG B 17 21.37 6.53 14.13
N TYR B 18 21.72 7.27 15.18
CA TYR B 18 22.59 8.42 14.99
C TYR B 18 24.05 8.13 15.30
N GLY B 19 24.34 6.87 15.63
CA GLY B 19 25.72 6.38 15.67
C GLY B 19 26.37 6.22 17.04
N TYR B 20 25.63 6.57 18.09
CA TYR B 20 26.17 6.54 19.44
C TYR B 20 26.45 5.11 19.94
N THR B 21 25.57 4.18 19.61
CA THR B 21 25.77 2.80 20.02
C THR B 21 27.00 2.19 19.33
N ARG B 22 27.20 2.52 18.06
CA ARG B 22 28.34 1.98 17.31
C ARG B 22 29.66 2.48 17.87
N VAL B 23 29.69 3.73 18.32
CA VAL B 23 30.87 4.27 18.95
C VAL B 23 31.09 3.67 20.34
N ALA B 24 30.02 3.57 21.11
CA ALA B 24 30.09 2.98 22.44
C ALA B 24 30.70 1.58 22.34
N GLU B 25 30.25 0.85 21.33
CA GLU B 25 30.76 -0.51 21.10
C GLU B 25 32.25 -0.50 20.74
N SER B 32 25.26 -1.40 28.72
CA SER B 32 24.15 -0.51 29.10
C SER B 32 24.08 0.70 28.18
N LEU B 33 23.09 1.56 28.41
CA LEU B 33 22.91 2.76 27.60
C LEU B 33 23.78 3.93 28.09
N GLY B 34 24.30 3.79 29.30
CA GLY B 34 25.03 4.87 29.96
C GLY B 34 26.09 5.56 29.13
N PRO B 35 27.14 4.81 28.75
CA PRO B 35 28.24 5.36 27.95
C PRO B 35 27.75 6.06 26.67
N ALA B 36 26.87 5.41 25.91
CA ALA B 36 26.32 5.99 24.70
C ALA B 36 25.56 7.29 25.00
N LEU B 37 24.79 7.28 26.08
CA LEU B 37 24.02 8.45 26.48
C LEU B 37 24.96 9.60 26.83
N LEU B 38 26.08 9.28 27.46
CA LEU B 38 27.07 10.31 27.77
C LEU B 38 27.62 10.90 26.48
N LEU B 39 27.90 10.04 25.52
CA LEU B 39 28.35 10.46 24.19
C LEU B 39 27.35 11.43 23.57
N LEU B 40 26.07 11.10 23.72
CA LEU B 40 25.00 11.88 23.10
C LEU B 40 24.87 13.25 23.75
N GLN B 41 24.93 13.25 25.09
CA GLN B 41 24.73 14.49 25.83
C GLN B 41 25.81 15.52 25.55
N LYS B 42 27.06 15.09 25.40
CA LYS B 42 28.09 16.06 25.07
C LYS B 42 28.04 16.43 23.59
N GLN B 43 27.60 15.49 22.76
CA GLN B 43 27.40 15.77 21.34
C GLN B 43 26.37 16.87 21.11
N LEU B 44 25.28 16.83 21.87
CA LEU B 44 24.20 17.81 21.70
C LEU B 44 24.29 18.94 22.72
N SER B 45 25.37 18.96 23.49
CA SER B 45 25.54 19.95 24.56
C SER B 45 24.40 19.91 25.58
N LEU B 46 24.03 18.69 25.99
CA LEU B 46 23.07 18.51 27.06
C LEU B 46 23.82 18.31 28.38
N PRO B 47 23.13 18.47 29.52
CA PRO B 47 23.71 18.05 30.79
C PRO B 47 24.22 16.61 30.70
N GLU B 48 25.50 16.40 31.01
CA GLU B 48 26.14 15.11 30.79
C GLU B 48 25.95 14.14 31.98
N THR B 49 24.75 13.58 32.07
CA THR B 49 24.36 12.79 33.23
C THR B 49 24.63 11.30 33.07
N GLY B 50 24.42 10.79 31.85
CA GLY B 50 24.55 9.37 31.59
C GLY B 50 23.23 8.69 31.86
N GLU B 51 22.18 9.49 32.02
CA GLU B 51 20.85 8.96 32.28
C GLU B 51 19.83 9.37 31.22
N LEU B 52 18.91 8.45 30.92
CA LEU B 52 17.77 8.75 30.06
C LEU B 52 16.88 9.75 30.77
N ASP B 53 17.44 10.93 31.09
CA ASP B 53 16.73 11.94 31.86
C ASP B 53 15.84 12.86 31.02
N SER B 54 15.13 13.75 31.71
CA SER B 54 14.09 14.56 31.08
C SER B 54 14.61 15.35 29.87
N ALA B 55 15.71 16.07 30.06
CA ALA B 55 16.28 16.90 29.01
C ALA B 55 16.71 16.04 27.84
N THR B 56 17.26 14.88 28.16
CA THR B 56 17.71 13.93 27.15
C THR B 56 16.55 13.38 26.30
N LEU B 57 15.44 13.05 26.96
CA LEU B 57 14.24 12.61 26.25
C LEU B 57 13.61 13.71 25.40
N LYS B 58 13.55 14.93 25.93
CA LYS B 58 13.04 16.04 25.16
C LYS B 58 13.86 16.17 23.88
N ALA B 59 15.19 16.10 24.02
CA ALA B 59 16.10 16.15 22.87
C ALA B 59 15.73 15.10 21.84
N MET B 60 15.65 13.84 22.27
CA MET B 60 15.34 12.72 21.37
C MET B 60 13.99 12.86 20.67
N ARG B 61 13.05 13.57 21.30
CA ARG B 61 11.73 13.78 20.70
C ARG B 61 11.71 14.95 19.73
N THR B 62 12.77 15.74 19.69
CA THR B 62 12.81 16.91 18.83
C THR B 62 13.13 16.53 17.39
N PRO B 63 12.31 17.02 16.44
CA PRO B 63 12.56 16.80 15.01
C PRO B 63 13.97 17.23 14.64
N ARG B 64 14.62 16.48 13.75
CA ARG B 64 16.03 16.70 13.52
C ARG B 64 16.49 16.18 12.16
N CYS B 65 17.77 16.37 11.88
CA CYS B 65 18.38 15.93 10.64
C CYS B 65 18.62 14.43 10.71
N GLY B 66 18.40 13.74 9.59
CA GLY B 66 18.57 12.31 9.51
C GLY B 66 20.00 11.83 9.41
N VAL B 67 20.94 12.75 9.24
CA VAL B 67 22.36 12.38 9.16
C VAL B 67 22.88 11.97 10.53
N PRO B 68 23.61 10.84 10.62
CA PRO B 68 24.14 10.46 11.93
C PRO B 68 25.19 11.45 12.46
N ASP B 69 25.36 11.49 13.78
CA ASP B 69 26.30 12.41 14.41
C ASP B 69 27.69 11.79 14.55
N LEU B 70 27.75 10.46 14.62
CA LEU B 70 29.00 9.72 14.79
C LEU B 70 28.90 8.32 14.18
N GLY B 71 29.94 7.52 14.39
CA GLY B 71 29.91 6.10 14.07
C GLY B 71 29.53 5.75 12.64
N ARG B 72 29.93 6.59 11.70
CA ARG B 72 29.66 6.30 10.29
C ARG B 72 30.47 5.09 9.82
N PHE B 76 31.82 6.07 1.95
CA PHE B 76 31.79 7.09 0.90
C PHE B 76 33.07 7.17 0.11
N GLU B 77 32.95 7.66 -1.12
CA GLU B 77 34.04 7.76 -2.06
C GLU B 77 34.76 9.11 -1.91
N GLY B 78 36.07 9.05 -1.81
CA GLY B 78 36.90 10.24 -1.88
C GLY B 78 37.08 11.07 -0.62
N ASP B 79 37.38 12.34 -0.87
CA ASP B 79 37.81 13.33 0.11
C ASP B 79 36.68 13.94 0.98
N LEU B 80 35.46 13.83 0.49
CA LEU B 80 34.29 14.45 1.11
C LEU B 80 34.33 15.98 1.06
N LYS B 81 35.04 16.50 0.06
CA LYS B 81 35.09 17.92 -0.26
C LYS B 81 34.89 18.04 -1.77
N TRP B 82 34.33 19.16 -2.23
CA TRP B 82 34.31 19.44 -3.66
C TRP B 82 35.67 19.92 -4.15
N HIS B 83 36.04 19.50 -5.35
CA HIS B 83 37.33 19.88 -5.93
C HIS B 83 37.19 20.69 -7.20
N HIS B 84 36.05 21.36 -7.33
CA HIS B 84 35.83 22.34 -8.37
C HIS B 84 34.93 23.45 -7.81
N HIS B 85 34.92 24.60 -8.45
CA HIS B 85 34.34 25.78 -7.83
C HIS B 85 32.88 26.03 -8.16
N ASN B 86 32.44 25.61 -9.35
CA ASN B 86 31.03 25.83 -9.70
C ASN B 86 30.21 24.58 -9.47
N ILE B 87 29.47 24.59 -8.38
CA ILE B 87 28.66 23.46 -7.96
C ILE B 87 27.29 23.59 -8.59
N THR B 88 26.86 22.56 -9.32
CA THR B 88 25.59 22.62 -9.98
C THR B 88 24.58 21.85 -9.16
N TYR B 89 23.31 22.27 -9.21
CA TYR B 89 22.26 21.55 -8.50
C TYR B 89 20.98 21.42 -9.30
N TRP B 90 20.31 20.28 -9.12
CA TRP B 90 19.11 19.97 -9.87
C TRP B 90 17.98 19.72 -8.90
N ILE B 91 16.92 20.51 -8.99
CA ILE B 91 15.72 20.28 -8.21
C ILE B 91 14.93 19.23 -8.97
N GLN B 92 14.99 18.00 -8.48
CA GLN B 92 14.46 16.83 -9.19
C GLN B 92 12.93 16.81 -9.19
N ASN B 93 12.34 17.23 -8.07
CA ASN B 93 10.89 17.30 -7.93
C ASN B 93 10.48 18.33 -6.88
N TYR B 94 9.18 18.43 -6.62
CA TYR B 94 8.66 19.48 -5.76
C TYR B 94 7.61 18.96 -4.78
N SER B 95 7.66 19.45 -3.55
CA SER B 95 6.57 19.23 -2.62
C SER B 95 5.40 20.07 -3.08
N GLU B 96 4.19 19.64 -2.73
CA GLU B 96 2.99 20.39 -3.06
C GLU B 96 2.65 21.46 -2.02
N ASP B 97 3.44 21.51 -0.95
CA ASP B 97 3.13 22.37 0.17
C ASP B 97 3.37 23.85 -0.12
N LEU B 98 4.16 24.12 -1.17
CA LEU B 98 4.56 25.47 -1.52
C LEU B 98 4.62 25.62 -3.02
N PRO B 99 4.42 26.85 -3.52
CA PRO B 99 4.54 27.11 -4.95
C PRO B 99 5.97 26.77 -5.39
N ARG B 100 6.11 26.24 -6.60
CA ARG B 100 7.42 25.88 -7.13
C ARG B 100 8.41 27.04 -7.08
N ALA B 101 7.96 28.25 -7.39
CA ALA B 101 8.84 29.42 -7.38
C ALA B 101 9.37 29.69 -5.99
N VAL B 102 8.52 29.46 -4.98
CA VAL B 102 8.89 29.70 -3.60
C VAL B 102 9.93 28.67 -3.19
N ILE B 103 9.75 27.44 -3.67
CA ILE B 103 10.69 26.37 -3.41
C ILE B 103 12.04 26.66 -4.07
N ASP B 104 12.01 27.03 -5.35
CA ASP B 104 13.23 27.39 -6.08
C ASP B 104 13.96 28.48 -5.32
N ASP B 105 13.20 29.47 -4.87
CA ASP B 105 13.79 30.61 -4.19
C ASP B 105 14.33 30.22 -2.83
N ALA B 106 13.67 29.30 -2.13
CA ALA B 106 14.16 28.92 -0.82
C ALA B 106 15.51 28.22 -0.97
N PHE B 107 15.61 27.33 -1.96
CA PHE B 107 16.88 26.67 -2.22
C PHE B 107 17.95 27.68 -2.68
N ALA B 108 17.57 28.63 -3.54
CA ALA B 108 18.53 29.63 -4.01
C ALA B 108 19.13 30.42 -2.83
N ARG B 109 18.27 30.84 -1.92
CA ARG B 109 18.70 31.60 -0.76
C ARG B 109 19.59 30.75 0.14
N ALA B 110 19.26 29.48 0.30
CA ALA B 110 20.07 28.62 1.14
C ALA B 110 21.48 28.49 0.57
N PHE B 111 21.60 28.38 -0.76
CA PHE B 111 22.92 28.30 -1.38
C PHE B 111 23.65 29.63 -1.27
N ALA B 112 22.89 30.71 -1.34
CA ALA B 112 23.51 32.04 -1.26
C ALA B 112 24.18 32.25 0.09
N LEU B 113 23.63 31.65 1.14
CA LEU B 113 24.30 31.66 2.44
C LEU B 113 25.73 31.12 2.34
N TRP B 114 25.88 29.95 1.71
CA TRP B 114 27.16 29.28 1.63
C TRP B 114 28.06 29.94 0.58
N SER B 115 27.46 30.49 -0.47
CA SER B 115 28.21 31.16 -1.52
C SER B 115 29.08 32.27 -0.94
N ALA B 116 28.52 33.05 -0.03
CA ALA B 116 29.20 34.25 0.43
C ALA B 116 30.45 33.94 1.26
N VAL B 117 30.49 32.73 1.84
CA VAL B 117 31.55 32.38 2.80
C VAL B 117 32.50 31.29 2.32
N THR B 118 32.36 30.92 1.05
CA THR B 118 33.22 29.93 0.42
C THR B 118 33.66 30.44 -0.93
N PRO B 119 34.65 29.79 -1.54
CA PRO B 119 35.00 30.15 -2.92
C PRO B 119 34.16 29.35 -3.92
N LEU B 120 32.96 28.94 -3.52
CA LEU B 120 32.13 28.18 -4.42
C LEU B 120 31.02 29.05 -4.99
N THR B 121 30.55 28.70 -6.17
CA THR B 121 29.35 29.28 -6.73
C THR B 121 28.39 28.14 -6.98
N PHE B 122 27.10 28.46 -6.94
CA PHE B 122 26.06 27.47 -7.12
C PHE B 122 25.18 27.86 -8.27
N THR B 123 24.94 26.89 -9.14
CA THR B 123 24.22 27.17 -10.38
C THR B 123 23.14 26.15 -10.52
N ARG B 124 21.90 26.62 -10.63
CA ARG B 124 20.77 25.74 -10.82
C ARG B 124 20.83 25.18 -12.25
N VAL B 125 20.68 23.87 -12.39
CA VAL B 125 20.64 23.28 -13.72
C VAL B 125 19.47 22.33 -13.84
N TYR B 126 19.23 21.81 -15.04
CA TYR B 126 18.02 21.06 -15.29
C TYR B 126 18.31 19.69 -15.87
N SER B 127 19.51 19.19 -15.61
CA SER B 127 19.95 17.89 -16.10
C SER B 127 20.38 16.99 -14.94
N ARG B 128 20.36 15.67 -15.17
CA ARG B 128 20.85 14.69 -14.22
C ARG B 128 22.32 14.94 -13.97
N ASP B 129 22.90 15.73 -14.87
CA ASP B 129 24.28 16.18 -14.76
C ASP B 129 24.35 17.33 -13.76
N ALA B 130 24.22 17.00 -12.47
CA ALA B 130 24.34 17.99 -11.41
C ALA B 130 25.13 17.41 -10.26
N ASP B 131 25.94 18.24 -9.60
CA ASP B 131 26.69 17.80 -8.42
C ASP B 131 25.73 17.49 -7.28
N ILE B 132 24.75 18.37 -7.09
CA ILE B 132 23.82 18.25 -5.98
C ILE B 132 22.42 18.01 -6.51
N VAL B 133 21.91 16.80 -6.28
CA VAL B 133 20.56 16.49 -6.70
C VAL B 133 19.62 16.62 -5.50
N ILE B 134 18.55 17.36 -5.69
CA ILE B 134 17.61 17.66 -4.60
C ILE B 134 16.30 16.93 -4.85
N GLN B 135 15.78 16.25 -3.83
CA GLN B 135 14.60 15.41 -4.00
C GLN B 135 13.68 15.49 -2.76
N PHE B 136 12.38 15.57 -2.99
CA PHE B 136 11.41 15.38 -1.91
C PHE B 136 10.94 13.95 -2.00
N GLY B 137 10.84 13.28 -0.86
CA GLY B 137 10.41 11.89 -0.85
C GLY B 137 9.79 11.50 0.46
N VAL B 138 9.19 10.31 0.50
CA VAL B 138 8.59 9.79 1.72
C VAL B 138 9.03 8.34 1.91
N ALA B 139 9.13 7.93 3.17
CA ALA B 139 9.57 6.56 3.51
C ALA B 139 10.78 6.12 2.70
N GLU B 140 10.71 4.93 2.11
CA GLU B 140 11.79 4.48 1.24
C GLU B 140 11.70 5.22 -0.09
N HIS B 141 12.68 6.06 -0.37
CA HIS B 141 12.62 6.91 -1.54
C HIS B 141 13.87 6.70 -2.38
N GLY B 142 14.47 5.52 -2.27
CA GLY B 142 15.48 5.12 -3.22
C GLY B 142 16.95 5.18 -2.84
N ASP B 143 17.26 5.34 -1.56
CA ASP B 143 18.66 5.31 -1.13
C ASP B 143 18.94 4.42 0.08
N GLY B 144 17.92 3.72 0.56
CA GLY B 144 18.11 2.82 1.68
C GLY B 144 18.22 3.51 3.02
N TYR B 145 18.00 4.82 3.03
CA TYR B 145 17.85 5.55 4.28
C TYR B 145 16.46 6.15 4.32
N PRO B 146 15.45 5.30 4.51
CA PRO B 146 14.05 5.72 4.45
C PRO B 146 13.72 6.77 5.51
N PHE B 147 12.83 7.70 5.14
CA PHE B 147 12.24 8.65 6.07
C PHE B 147 11.15 7.93 6.86
N ASP B 148 10.56 8.64 7.81
CA ASP B 148 9.84 8.02 8.91
C ASP B 148 8.46 8.62 9.14
N GLY B 149 7.85 9.15 8.08
CA GLY B 149 6.57 9.80 8.21
C GLY B 149 6.68 11.13 8.94
N LYS B 150 5.59 11.61 9.50
CA LYS B 150 5.56 12.95 10.10
C LYS B 150 6.49 13.13 11.32
N ASP B 151 7.18 14.27 11.37
CA ASP B 151 8.11 14.59 12.47
C ASP B 151 9.31 13.63 12.51
N GLY B 152 10.08 13.64 13.58
CA GLY B 152 11.28 12.80 13.63
C GLY B 152 12.35 13.32 12.67
N LEU B 153 12.80 12.48 11.73
CA LEU B 153 13.74 12.92 10.68
C LEU B 153 13.07 13.88 9.74
N LEU B 154 13.69 15.03 9.44
CA LEU B 154 13.09 15.98 8.51
C LEU B 154 13.67 15.90 7.11
N ALA B 155 14.94 15.51 7.03
CA ALA B 155 15.72 15.58 5.81
C ALA B 155 17.08 14.96 6.07
N HIS B 156 17.84 14.76 5.02
CA HIS B 156 19.23 14.34 5.16
C HIS B 156 19.97 14.64 3.88
N ALA B 157 21.28 14.39 3.88
CA ALA B 157 22.10 14.72 2.73
C ALA B 157 23.35 13.88 2.80
N PHE B 158 24.13 13.91 1.72
CA PHE B 158 25.35 13.10 1.63
C PHE B 158 26.52 13.99 1.30
N PRO B 159 27.71 13.65 1.80
CA PRO B 159 28.91 14.48 1.60
C PRO B 159 29.36 14.50 0.15
N PRO B 160 30.13 15.54 -0.25
CA PRO B 160 30.55 15.70 -1.64
C PRO B 160 31.20 14.45 -2.18
N GLY B 161 31.00 14.22 -3.47
CA GLY B 161 31.56 13.05 -4.12
C GLY B 161 30.69 12.69 -5.31
N PRO B 162 30.95 11.51 -5.89
CA PRO B 162 30.19 11.15 -7.10
C PRO B 162 28.86 10.50 -6.77
N GLY B 163 27.97 10.46 -7.76
CA GLY B 163 26.71 9.75 -7.65
C GLY B 163 25.75 10.37 -6.65
N ILE B 164 25.37 9.60 -5.64
CA ILE B 164 24.42 10.07 -4.65
C ILE B 164 25.07 11.11 -3.73
N GLN B 165 26.40 11.09 -3.69
CA GLN B 165 27.11 11.98 -2.77
C GLN B 165 26.87 13.41 -3.21
N GLY B 166 26.70 14.31 -2.25
CA GLY B 166 26.34 15.68 -2.60
C GLY B 166 24.83 15.92 -2.58
N ASP B 167 24.03 14.85 -2.64
CA ASP B 167 22.58 15.03 -2.78
C ASP B 167 21.86 15.38 -1.47
N ALA B 168 20.68 16.01 -1.59
CA ALA B 168 19.92 16.46 -0.43
C ALA B 168 18.47 16.05 -0.61
N HIS B 169 17.90 15.42 0.41
CA HIS B 169 16.53 14.91 0.36
C HIS B 169 15.68 15.44 1.50
N PHE B 170 14.45 15.81 1.20
CA PHE B 170 13.53 16.34 2.20
C PHE B 170 12.34 15.41 2.34
N ASP B 171 11.95 15.17 3.60
CA ASP B 171 10.84 14.27 3.91
C ASP B 171 9.53 14.99 3.59
N ASP B 172 8.82 14.53 2.58
CA ASP B 172 7.61 15.22 2.16
C ASP B 172 6.38 14.84 2.99
N ASP B 173 6.56 13.94 3.94
CA ASP B 173 5.52 13.70 4.94
C ASP B 173 5.48 14.84 5.94
N GLU B 174 6.47 15.74 5.87
CA GLU B 174 6.40 16.96 6.66
C GLU B 174 5.68 18.04 5.86
N LEU B 175 5.07 18.97 6.59
CA LEU B 175 4.52 20.17 5.98
C LEU B 175 5.64 21.17 5.81
N TRP B 176 5.98 21.46 4.55
CA TRP B 176 7.04 22.43 4.26
C TRP B 176 6.47 23.82 4.09
N SER B 177 7.07 24.79 4.77
CA SER B 177 6.65 26.17 4.61
C SER B 177 7.85 27.09 4.83
N LEU B 178 7.62 28.33 5.23
CA LEU B 178 8.74 29.15 5.65
C LEU B 178 8.88 29.16 7.17
N GLY B 179 8.25 28.17 7.82
CA GLY B 179 8.48 27.86 9.21
C GLY B 179 7.88 28.82 10.22
N LYS B 180 7.26 29.90 9.74
CA LYS B 180 6.76 30.92 10.64
C LYS B 180 5.53 30.49 11.47
N GLY B 181 4.80 29.49 10.98
CA GLY B 181 3.62 28.99 11.67
C GLY B 181 3.74 27.54 12.09
N GLN B 182 3.01 26.66 11.41
CA GLN B 182 3.03 25.23 11.72
C GLN B 182 3.97 24.39 10.84
N GLY B 183 4.56 24.98 9.81
CA GLY B 183 5.42 24.21 8.93
C GLY B 183 6.88 24.21 9.33
N TYR B 184 7.67 23.29 8.77
CA TYR B 184 9.11 23.37 8.94
C TYR B 184 9.65 24.29 7.85
N SER B 185 10.57 25.17 8.20
CA SER B 185 11.16 26.07 7.21
C SER B 185 12.00 25.31 6.20
N LEU B 186 11.55 25.24 4.95
CA LEU B 186 12.36 24.63 3.91
C LEU B 186 13.69 25.36 3.77
N PHE B 187 13.65 26.68 3.93
CA PHE B 187 14.86 27.48 3.78
C PHE B 187 15.90 27.06 4.81
N LEU B 188 15.49 26.97 6.08
CA LEU B 188 16.43 26.63 7.14
C LEU B 188 16.93 25.18 7.02
N VAL B 189 16.02 24.28 6.71
CA VAL B 189 16.42 22.88 6.62
C VAL B 189 17.34 22.70 5.42
N ALA B 190 17.01 23.35 4.31
CA ALA B 190 17.87 23.27 3.11
C ALA B 190 19.24 23.87 3.41
N ALA B 191 19.28 24.97 4.14
CA ALA B 191 20.57 25.60 4.45
C ALA B 191 21.46 24.62 5.21
N HIS B 192 20.86 23.95 6.17
CA HIS B 192 21.53 22.91 6.94
C HIS B 192 22.01 21.75 6.09
N GLU B 193 21.11 21.18 5.28
CA GLU B 193 21.49 20.00 4.47
C GLU B 193 22.54 20.34 3.40
N PHE B 194 22.43 21.54 2.82
CA PHE B 194 23.44 21.97 1.86
C PHE B 194 24.82 22.06 2.50
N GLY B 195 24.85 22.30 3.81
CA GLY B 195 26.11 22.35 4.56
C GLY B 195 26.74 20.97 4.51
N HIS B 196 25.92 19.94 4.68
CA HIS B 196 26.40 18.56 4.56
C HIS B 196 26.85 18.29 3.13
N ALA B 197 26.07 18.76 2.18
CA ALA B 197 26.37 18.54 0.76
C ALA B 197 27.68 19.22 0.37
N LEU B 198 28.19 20.10 1.24
CA LEU B 198 29.48 20.75 1.02
C LEU B 198 30.59 20.07 1.80
N GLY B 199 30.21 19.16 2.69
CA GLY B 199 31.19 18.41 3.49
C GLY B 199 31.17 18.71 4.98
N LEU B 200 30.17 19.46 5.46
CA LEU B 200 30.10 19.76 6.89
C LEU B 200 29.46 18.66 7.70
N ASP B 201 29.94 18.55 8.93
CA ASP B 201 29.41 17.63 9.90
C ASP B 201 28.50 18.40 10.85
N HIS B 202 27.82 17.68 11.73
CA HIS B 202 27.02 18.34 12.74
C HIS B 202 27.85 19.14 13.74
N SER B 203 27.23 20.17 14.29
CA SER B 203 27.82 21.02 15.30
C SER B 203 27.21 20.65 16.64
N SER B 204 27.98 20.80 17.72
CA SER B 204 27.44 20.59 19.07
C SER B 204 26.93 21.90 19.67
N VAL B 205 27.05 22.98 18.91
CA VAL B 205 26.54 24.29 19.32
C VAL B 205 25.06 24.44 19.00
N PRO B 206 24.21 24.45 20.02
CA PRO B 206 22.76 24.45 19.83
C PRO B 206 22.24 25.54 18.90
N GLU B 207 22.88 26.70 18.84
CA GLU B 207 22.38 27.78 18.00
C GLU B 207 22.90 27.72 16.57
N ALA B 208 23.95 26.95 16.35
CA ALA B 208 24.59 26.88 15.02
C ALA B 208 23.65 26.26 14.01
N LEU B 209 23.75 26.70 12.76
CA LEU B 209 22.95 26.11 11.68
C LEU B 209 23.13 24.59 11.59
N MET B 210 24.35 24.12 11.84
CA MET B 210 24.68 22.70 11.64
C MET B 210 24.38 21.81 12.86
N TYR B 211 23.85 22.40 13.93
CA TYR B 211 23.25 21.61 15.01
C TYR B 211 22.14 20.74 14.43
N PRO B 212 22.09 19.46 14.83
CA PRO B 212 21.22 18.51 14.11
C PRO B 212 19.73 18.71 14.36
N MET B 213 19.39 19.33 15.49
CA MET B 213 17.98 19.54 15.81
C MET B 213 17.38 20.71 15.05
N TYR B 214 16.12 20.58 14.65
CA TYR B 214 15.42 21.70 14.03
C TYR B 214 15.08 22.76 15.06
N ARG B 215 15.36 24.01 14.70
CA ARG B 215 15.09 25.13 15.57
C ARG B 215 14.78 26.34 14.69
N PHE B 216 13.53 26.74 14.65
CA PHE B 216 13.16 27.87 13.82
C PHE B 216 13.78 29.15 14.34
N THR B 217 14.21 29.99 13.41
CA THR B 217 14.68 31.33 13.77
C THR B 217 14.39 32.26 12.60
N GLU B 218 14.26 33.55 12.90
CA GLU B 218 14.13 34.56 11.85
C GLU B 218 15.44 35.31 11.70
N GLY B 219 16.40 34.97 12.54
CA GLY B 219 17.72 35.57 12.48
C GLY B 219 18.54 34.99 11.35
N PRO B 220 19.69 35.61 11.09
CA PRO B 220 20.61 35.08 10.08
C PRO B 220 21.02 33.66 10.47
N PRO B 221 20.90 32.72 9.53
CA PRO B 221 21.06 31.32 9.94
C PRO B 221 22.50 30.92 10.29
N LEU B 222 23.50 31.53 9.68
CA LEU B 222 24.88 31.12 9.97
C LEU B 222 25.38 31.65 11.30
N HIS B 223 26.12 30.80 12.01
CA HIS B 223 26.83 31.22 13.21
C HIS B 223 28.33 31.04 13.04
N LYS B 224 29.11 31.55 13.98
CA LYS B 224 30.58 31.45 13.91
C LYS B 224 31.03 30.01 13.65
N ASP B 225 30.40 29.06 14.34
CA ASP B 225 30.84 27.66 14.26
C ASP B 225 30.67 27.08 12.85
N ASP B 226 29.56 27.46 12.20
CA ASP B 226 29.29 27.09 10.81
C ASP B 226 30.32 27.67 9.84
N VAL B 227 30.66 28.95 10.05
CA VAL B 227 31.64 29.60 9.18
C VAL B 227 33.03 28.98 9.42
N ASN B 228 33.39 28.81 10.71
CA ASN B 228 34.63 28.14 11.08
C ASN B 228 34.74 26.79 10.36
N GLY B 229 33.66 26.04 10.42
CA GLY B 229 33.62 24.72 9.81
C GLY B 229 33.82 24.77 8.31
N ILE B 230 33.15 25.70 7.63
CA ILE B 230 33.26 25.72 6.18
C ILE B 230 34.63 26.23 5.76
N ARG B 231 35.18 27.17 6.51
CA ARG B 231 36.52 27.65 6.19
C ARG B 231 37.58 26.57 6.42
N HIS B 232 37.29 25.66 7.33
CA HIS B 232 38.23 24.56 7.56
C HIS B 232 38.32 23.70 6.31
N LEU B 233 37.23 23.63 5.56
CA LEU B 233 37.22 22.84 4.33
C LEU B 233 37.72 23.58 3.08
N TYR B 234 37.32 24.86 2.93
CA TYR B 234 37.55 25.57 1.67
C TYR B 234 38.43 26.82 1.78
N GLY B 235 38.75 27.22 3.00
CA GLY B 235 39.69 28.31 3.21
C GLY B 235 39.10 29.56 3.82
#